data_3H9B
#
_entry.id   3H9B
#
_cell.length_a   78.259
_cell.length_b   45.377
_cell.length_c   85.890
_cell.angle_alpha   90.000
_cell.angle_beta   107.240
_cell.angle_gamma   90.000
#
_symmetry.space_group_name_H-M   'P 1 21 1'
#
loop_
_entity.id
_entity.type
_entity.pdbx_description
1 polymer 'Methionyl-tRNA synthetase'
2 non-polymer 'ZINC ION'
3 non-polymer 6-Azido-L-lysine
4 non-polymer 'CITRIC ACID'
5 water water
#
_entity_poly.entity_id   1
_entity_poly.type   'polypeptide(L)'
_entity_poly.pdbx_seq_one_letter_code
;MRGSHHHHHHGSMTQVAKKILVTCASPYANGSIHLGHMLEHIQADVWVRYQRMRGHEVNFICADDAHGTPIMLKAQQLGI
TPEQMIGEMSQEHQTDFAGFNISYDNYHSTHSEENRQLSELIYSRLKENGFIKNRTISQLYDPEKGMFLPDRFVKGTCPK
CKSPDQYGDNCEVCGATYSPTELIEPKSVVSGATPVMRDSEHFFFDLPSFSEMLQAWTRSGALQEQVANKMQEWFESGLQ
QWDISRDAPYFGFEIPNAPGKYFYVWLDAPIGLMGSFKNLCDKRGDSVSFDEYWKKDSTAELYHFIGKDIVYFLSLFWPA
MLEGSNFRKPSNLFVHGYVTVNGAKMSKSRGTFIKASTWLNHFDADSLRYYYTAKLSSRIDDIDLNLEDFVQRVNADIVN
KVVNLASRNAGFINKRFDGVLASELADPQLYKTFTDAAEVIGEAWESREFGKAVREIMALADLANRYVDEQAPWVVAKQE
GRDADLQAICSMGINLFRVLMTYLKPVLPKLTERAEAFLNTELTWDGIQQPLLGHKVNPFKALYNRIDMRQVEALVEASK
;
_entity_poly.pdbx_strand_id   A
#
# COMPACT_ATOMS: atom_id res chain seq x y z
N ALA A 17 -12.03 17.10 10.52
CA ALA A 17 -13.47 17.36 10.25
C ALA A 17 -13.92 16.65 8.98
N LYS A 18 -12.95 16.31 8.13
CA LYS A 18 -13.25 15.62 6.88
C LYS A 18 -13.57 14.16 7.13
N LYS A 19 -14.25 13.55 6.18
CA LYS A 19 -14.56 12.12 6.23
C LYS A 19 -13.78 11.57 5.05
N ILE A 20 -12.87 10.65 5.33
CA ILE A 20 -12.00 10.09 4.31
C ILE A 20 -11.96 8.57 4.31
N LEU A 21 -12.19 7.98 3.13
CA LEU A 21 -12.12 6.53 2.99
C LEU A 21 -10.91 6.27 2.09
N VAL A 22 -9.92 5.55 2.62
CA VAL A 22 -8.70 5.24 1.88
C VAL A 22 -8.56 3.74 1.69
N THR A 23 -8.16 3.32 0.50
CA THR A 23 -7.97 1.90 0.24
C THR A 23 -6.63 1.61 -0.41
N CYS A 24 -6.28 0.32 -0.38
CA CYS A 24 -5.08 -0.17 -1.03
C CYS A 24 -5.58 -1.28 -1.93
N ALA A 25 -4.80 -1.63 -2.94
CA ALA A 25 -5.20 -2.69 -3.85
C ALA A 25 -5.19 -4.02 -3.10
N SER A 26 -6.25 -4.79 -3.26
CA SER A 26 -6.36 -6.08 -2.60
C SER A 26 -5.36 -7.09 -3.16
N PRO A 27 -4.53 -7.68 -2.30
CA PRO A 27 -3.56 -8.66 -2.79
C PRO A 27 -4.25 -9.96 -3.19
N TYR A 28 -3.75 -10.64 -4.22
CA TYR A 28 -4.35 -11.90 -4.63
C TYR A 28 -4.09 -12.97 -3.57
N ALA A 29 -5.08 -13.82 -3.34
CA ALA A 29 -4.98 -14.87 -2.33
C ALA A 29 -4.06 -16.04 -2.65
N ASN A 30 -3.56 -16.13 -3.88
CA ASN A 30 -2.69 -17.26 -4.22
C ASN A 30 -1.19 -16.95 -4.16
N GLY A 31 -0.83 -15.88 -3.46
CA GLY A 31 0.56 -15.51 -3.35
C GLY A 31 0.85 -14.78 -2.05
N SER A 32 2.08 -14.89 -1.56
CA SER A 32 2.48 -14.23 -0.32
C SER A 32 2.81 -12.76 -0.53
N ILE A 33 2.72 -11.97 0.54
CA ILE A 33 3.02 -10.55 0.47
C ILE A 33 4.52 -10.34 0.31
N HIS A 34 4.91 -9.48 -0.62
CA HIS A 34 6.33 -9.20 -0.84
C HIS A 34 6.60 -7.70 -0.72
N LEU A 35 7.85 -7.29 -0.90
CA LEU A 35 8.24 -5.89 -0.80
C LEU A 35 7.44 -4.94 -1.70
N GLY A 36 6.97 -5.45 -2.85
CA GLY A 36 6.20 -4.64 -3.76
C GLY A 36 4.89 -4.23 -3.10
N HIS A 37 4.19 -5.21 -2.53
CA HIS A 37 2.94 -4.94 -1.84
C HIS A 37 3.20 -3.95 -0.73
N MET A 38 4.28 -4.18 0.03
CA MET A 38 4.61 -3.32 1.16
C MET A 38 4.82 -1.84 0.82
N LEU A 39 5.35 -1.56 -0.36
CA LEU A 39 5.55 -0.15 -0.75
C LEU A 39 4.20 0.55 -0.75
N GLU A 40 3.21 -0.09 -1.35
CA GLU A 40 1.87 0.48 -1.44
C GLU A 40 1.17 0.61 -0.09
N HIS A 41 1.18 -0.46 0.69
CA HIS A 41 0.51 -0.43 1.98
C HIS A 41 1.18 0.52 2.97
N ILE A 42 2.52 0.64 2.88
CA ILE A 42 3.22 1.56 3.76
C ILE A 42 2.94 2.99 3.33
N GLN A 43 2.96 3.25 2.03
CA GLN A 43 2.69 4.61 1.55
C GLN A 43 1.31 5.07 2.03
N ALA A 44 0.32 4.19 1.86
CA ALA A 44 -1.04 4.51 2.28
C ALA A 44 -1.13 4.69 3.78
N ASP A 45 -0.47 3.83 4.55
CA ASP A 45 -0.53 3.92 6.00
C ASP A 45 0.05 5.22 6.54
N VAL A 46 1.16 5.67 5.95
CA VAL A 46 1.78 6.91 6.39
C VAL A 46 0.79 8.06 6.17
N TRP A 47 0.15 8.07 5.01
CA TRP A 47 -0.82 9.11 4.68
C TRP A 47 -2.00 9.04 5.64
N VAL A 48 -2.51 7.84 5.86
CA VAL A 48 -3.64 7.62 6.76
C VAL A 48 -3.33 8.07 8.19
N ARG A 49 -2.17 7.69 8.71
CA ARG A 49 -1.81 8.08 10.07
C ARG A 49 -1.69 9.60 10.18
N TYR A 50 -1.18 10.25 9.14
CA TYR A 50 -1.07 11.71 9.18
C TYR A 50 -2.47 12.33 9.19
N GLN A 51 -3.37 11.81 8.35
CA GLN A 51 -4.73 12.35 8.32
C GLN A 51 -5.40 12.20 9.68
N ARG A 52 -5.18 11.07 10.34
CA ARG A 52 -5.77 10.87 11.66
C ARG A 52 -5.18 11.88 12.65
N MET A 53 -3.89 12.16 12.51
CA MET A 53 -3.23 13.10 13.41
C MET A 53 -3.82 14.50 13.27
N ARG A 54 -4.37 14.81 12.09
CA ARG A 54 -4.95 16.13 11.88
C ARG A 54 -6.43 16.20 12.28
N GLY A 55 -6.91 15.14 12.92
CA GLY A 55 -8.28 15.11 13.42
C GLY A 55 -9.42 14.68 12.50
N HIS A 56 -9.09 14.15 11.33
CA HIS A 56 -10.14 13.73 10.41
C HIS A 56 -10.69 12.34 10.70
N GLU A 57 -11.89 12.08 10.19
CA GLU A 57 -12.51 10.78 10.34
C GLU A 57 -11.96 9.98 9.17
N VAL A 58 -11.15 8.97 9.47
CA VAL A 58 -10.53 8.17 8.44
C VAL A 58 -10.92 6.71 8.52
N ASN A 59 -11.17 6.11 7.36
CA ASN A 59 -11.50 4.70 7.26
C ASN A 59 -10.55 4.09 6.24
N PHE A 60 -9.58 3.33 6.75
CA PHE A 60 -8.55 2.67 5.94
C PHE A 60 -9.08 1.26 5.68
N ILE A 61 -9.45 1.03 4.42
CA ILE A 61 -10.10 -0.22 4.01
C ILE A 61 -9.35 -1.08 2.99
N CYS A 62 -9.32 -2.40 3.21
CA CYS A 62 -8.69 -3.31 2.25
C CYS A 62 -9.36 -4.67 2.35
N ALA A 63 -8.86 -5.61 1.57
CA ALA A 63 -9.41 -6.96 1.54
C ALA A 63 -8.49 -7.84 0.71
N ASP A 64 -8.74 -9.14 0.76
CA ASP A 64 -7.97 -10.09 -0.02
C ASP A 64 -8.78 -10.34 -1.30
N ASP A 65 -8.10 -10.37 -2.43
CA ASP A 65 -8.75 -10.63 -3.73
C ASP A 65 -8.71 -12.15 -3.87
N ALA A 66 -9.84 -12.77 -3.57
CA ALA A 66 -9.92 -14.24 -3.52
C ALA A 66 -10.56 -15.05 -4.63
N HIS A 67 -10.96 -14.44 -5.74
CA HIS A 67 -11.62 -15.18 -6.82
C HIS A 67 -10.74 -15.42 -8.04
N GLY A 68 -11.23 -16.27 -8.94
CA GLY A 68 -10.49 -16.52 -10.17
C GLY A 68 -10.07 -17.95 -10.46
N THR A 69 -9.78 -18.20 -11.73
CA THR A 69 -9.36 -19.52 -12.17
C THR A 69 -8.05 -19.98 -11.51
N PRO A 70 -7.04 -19.10 -11.41
CA PRO A 70 -5.78 -19.51 -10.79
C PRO A 70 -5.99 -20.02 -9.36
N ILE A 71 -6.84 -19.32 -8.61
CA ILE A 71 -7.12 -19.72 -7.24
C ILE A 71 -7.88 -21.04 -7.19
N MET A 72 -8.86 -21.20 -8.07
CA MET A 72 -9.64 -22.44 -8.12
C MET A 72 -8.72 -23.63 -8.38
N LEU A 73 -7.84 -23.49 -9.37
CA LEU A 73 -6.92 -24.56 -9.73
C LEU A 73 -5.90 -24.87 -8.64
N LYS A 74 -5.38 -23.83 -7.98
CA LYS A 74 -4.40 -24.03 -6.93
C LYS A 74 -5.01 -24.85 -5.79
N ALA A 75 -6.25 -24.52 -5.41
CA ALA A 75 -6.92 -25.23 -4.34
C ALA A 75 -7.12 -26.70 -4.70
N GLN A 76 -7.50 -26.98 -5.95
CA GLN A 76 -7.70 -28.35 -6.38
C GLN A 76 -6.40 -29.12 -6.30
N GLN A 77 -5.30 -28.46 -6.67
CA GLN A 77 -3.98 -29.09 -6.62
C GLN A 77 -3.60 -29.41 -5.18
N LEU A 78 -3.95 -28.53 -4.26
CA LEU A 78 -3.64 -28.73 -2.85
C LEU A 78 -4.59 -29.72 -2.19
N GLY A 79 -5.65 -30.09 -2.90
CA GLY A 79 -6.60 -31.03 -2.35
C GLY A 79 -7.47 -30.46 -1.24
N ILE A 80 -7.66 -29.15 -1.24
CA ILE A 80 -8.48 -28.50 -0.24
C ILE A 80 -9.48 -27.59 -0.94
N THR A 81 -10.52 -27.18 -0.21
CA THR A 81 -11.53 -26.30 -0.80
C THR A 81 -10.93 -24.91 -0.99
N PRO A 82 -11.43 -24.17 -1.98
CA PRO A 82 -10.90 -22.82 -2.21
C PRO A 82 -11.15 -21.96 -0.97
N GLU A 83 -12.28 -22.22 -0.30
CA GLU A 83 -12.62 -21.48 0.91
C GLU A 83 -11.54 -21.67 1.96
N GLN A 84 -11.08 -22.92 2.14
CA GLN A 84 -10.05 -23.17 3.13
C GLN A 84 -8.75 -22.48 2.74
N MET A 85 -8.36 -22.61 1.47
CA MET A 85 -7.12 -22.01 1.00
C MET A 85 -7.08 -20.50 1.13
N ILE A 86 -8.14 -19.81 0.68
CA ILE A 86 -8.13 -18.36 0.77
C ILE A 86 -8.20 -17.90 2.22
N GLY A 87 -8.77 -18.72 3.09
CA GLY A 87 -8.84 -18.35 4.50
C GLY A 87 -7.46 -18.36 5.10
N GLU A 88 -6.68 -19.37 4.73
CA GLU A 88 -5.32 -19.50 5.24
C GLU A 88 -4.42 -18.38 4.72
N MET A 89 -4.54 -18.03 3.45
CA MET A 89 -3.70 -16.97 2.91
C MET A 89 -4.15 -15.61 3.43
N SER A 90 -5.44 -15.47 3.72
CA SER A 90 -5.94 -14.20 4.25
C SER A 90 -5.26 -13.95 5.58
N GLN A 91 -5.18 -15.00 6.40
CA GLN A 91 -4.54 -14.90 7.70
C GLN A 91 -3.05 -14.61 7.57
N GLU A 92 -2.40 -15.25 6.61
CA GLU A 92 -0.97 -15.02 6.40
C GLU A 92 -0.75 -13.56 6.01
N HIS A 93 -1.55 -13.06 5.09
CA HIS A 93 -1.43 -11.67 4.64
C HIS A 93 -1.62 -10.69 5.79
N GLN A 94 -2.68 -10.88 6.55
CA GLN A 94 -2.97 -9.99 7.67
C GLN A 94 -1.89 -10.04 8.74
N THR A 95 -1.26 -11.19 8.91
CA THR A 95 -0.19 -11.32 9.91
C THR A 95 0.99 -10.47 9.44
N ASP A 96 1.30 -10.53 8.15
CA ASP A 96 2.42 -9.74 7.61
C ASP A 96 2.13 -8.25 7.70
N PHE A 97 0.96 -7.83 7.25
CA PHE A 97 0.59 -6.41 7.31
C PHE A 97 0.59 -5.89 8.74
N ALA A 98 0.13 -6.72 9.67
CA ALA A 98 0.11 -6.32 11.07
C ALA A 98 1.55 -6.16 11.56
N GLY A 99 2.43 -7.00 11.04
CA GLY A 99 3.83 -6.93 11.42
C GLY A 99 4.48 -5.62 11.00
N PHE A 100 3.92 -4.99 9.97
CA PHE A 100 4.43 -3.71 9.48
C PHE A 100 3.57 -2.55 9.98
N ASN A 101 2.67 -2.87 10.90
CA ASN A 101 1.78 -1.88 11.50
C ASN A 101 0.94 -1.09 10.51
N ILE A 102 0.35 -1.78 9.54
CA ILE A 102 -0.53 -1.16 8.57
C ILE A 102 -1.87 -1.10 9.32
N SER A 103 -2.28 0.12 9.67
CA SER A 103 -3.47 0.37 10.48
C SER A 103 -4.86 0.31 9.87
N TYR A 104 -5.18 -0.78 9.18
CA TYR A 104 -6.51 -0.91 8.57
C TYR A 104 -7.61 -0.85 9.61
N ASP A 105 -8.73 -0.24 9.23
CA ASP A 105 -9.89 -0.19 10.09
C ASP A 105 -10.68 -1.46 9.80
N ASN A 106 -10.45 -2.05 8.64
CA ASN A 106 -11.09 -3.31 8.26
C ASN A 106 -10.36 -3.96 7.09
N TYR A 107 -10.15 -5.26 7.21
CA TYR A 107 -9.51 -6.05 6.16
C TYR A 107 -10.47 -7.21 5.95
N HIS A 108 -11.19 -7.17 4.83
CA HIS A 108 -12.20 -8.18 4.53
C HIS A 108 -11.77 -9.11 3.40
N SER A 109 -12.74 -9.62 2.65
CA SER A 109 -12.46 -10.53 1.55
C SER A 109 -13.42 -10.25 0.41
N THR A 110 -12.96 -10.44 -0.82
CA THR A 110 -13.85 -10.23 -1.96
C THR A 110 -14.82 -11.41 -1.97
N HIS A 111 -14.49 -12.49 -1.27
CA HIS A 111 -15.38 -13.62 -1.19
C HIS A 111 -16.16 -13.46 0.11
N SER A 112 -17.20 -12.63 0.05
CA SER A 112 -18.01 -12.35 1.22
C SER A 112 -19.43 -12.05 0.76
N GLU A 113 -20.38 -12.13 1.68
CA GLU A 113 -21.76 -11.85 1.36
C GLU A 113 -21.95 -10.39 1.00
N GLU A 114 -21.19 -9.50 1.64
CA GLU A 114 -21.31 -8.09 1.34
C GLU A 114 -20.92 -7.84 -0.11
N ASN A 115 -19.83 -8.45 -0.55
CA ASN A 115 -19.40 -8.24 -1.93
C ASN A 115 -20.33 -8.96 -2.91
N ARG A 116 -20.88 -10.10 -2.52
CA ARG A 116 -21.78 -10.80 -3.43
C ARG A 116 -23.00 -9.93 -3.69
N GLN A 117 -23.58 -9.37 -2.63
CA GLN A 117 -24.76 -8.53 -2.78
C GLN A 117 -24.47 -7.24 -3.53
N LEU A 118 -23.35 -6.59 -3.23
CA LEU A 118 -23.03 -5.35 -3.93
C LEU A 118 -22.66 -5.62 -5.38
N SER A 119 -22.00 -6.74 -5.65
CA SER A 119 -21.65 -7.08 -7.04
C SER A 119 -22.92 -7.35 -7.84
N GLU A 120 -23.84 -8.11 -7.25
CA GLU A 120 -25.09 -8.40 -7.95
C GLU A 120 -25.90 -7.12 -8.14
N LEU A 121 -25.87 -6.25 -7.14
CA LEU A 121 -26.60 -4.98 -7.21
C LEU A 121 -26.07 -4.10 -8.33
N ILE A 122 -24.76 -3.91 -8.37
CA ILE A 122 -24.16 -3.07 -9.39
C ILE A 122 -24.40 -3.66 -10.78
N TYR A 123 -24.23 -4.97 -10.93
CA TYR A 123 -24.47 -5.60 -12.23
C TYR A 123 -25.92 -5.39 -12.65
N SER A 124 -26.85 -5.59 -11.73
CA SER A 124 -28.27 -5.43 -12.05
C SER A 124 -28.58 -4.00 -12.50
N ARG A 125 -27.98 -3.02 -11.83
CA ARG A 125 -28.21 -1.63 -12.20
C ARG A 125 -27.61 -1.31 -13.56
N LEU A 126 -26.41 -1.85 -13.81
CA LEU A 126 -25.76 -1.61 -15.09
C LEU A 126 -26.59 -2.24 -16.21
N LYS A 127 -27.13 -3.42 -15.94
CA LYS A 127 -27.94 -4.11 -16.94
C LYS A 127 -29.24 -3.36 -17.24
N GLU A 128 -29.92 -2.91 -16.20
CA GLU A 128 -31.17 -2.17 -16.39
C GLU A 128 -30.93 -0.85 -17.09
N ASN A 129 -29.76 -0.25 -16.89
CA ASN A 129 -29.44 1.02 -17.54
C ASN A 129 -28.89 0.85 -18.96
N GLY A 130 -28.86 -0.39 -19.44
CA GLY A 130 -28.41 -0.67 -20.79
C GLY A 130 -26.91 -0.71 -21.04
N PHE A 131 -26.12 -0.94 -19.99
CA PHE A 131 -24.68 -1.00 -20.14
C PHE A 131 -24.08 -2.41 -20.21
N ILE A 132 -24.93 -3.42 -20.31
CA ILE A 132 -24.46 -4.80 -20.40
C ILE A 132 -24.87 -5.40 -21.75
N LYS A 133 -23.89 -5.91 -22.47
CA LYS A 133 -24.13 -6.49 -23.79
C LYS A 133 -23.86 -8.00 -23.77
N ASN A 134 -24.51 -8.73 -24.67
CA ASN A 134 -24.33 -10.18 -24.78
C ASN A 134 -23.73 -10.49 -26.14
N ARG A 135 -22.67 -11.28 -26.15
CA ARG A 135 -22.02 -11.65 -27.41
C ARG A 135 -21.28 -12.97 -27.27
N THR A 136 -21.32 -13.78 -28.32
CA THR A 136 -20.64 -15.07 -28.31
C THR A 136 -19.21 -14.93 -28.79
N ILE A 137 -18.30 -15.58 -28.09
CA ILE A 137 -16.88 -15.54 -28.46
C ILE A 137 -16.36 -16.98 -28.57
N SER A 138 -15.19 -17.12 -29.18
CA SER A 138 -14.56 -18.41 -29.35
C SER A 138 -13.29 -18.41 -28.49
N GLN A 139 -13.09 -19.48 -27.72
CA GLN A 139 -11.94 -19.56 -26.83
C GLN A 139 -11.45 -21.00 -26.69
N LEU A 140 -10.16 -21.16 -26.44
CA LEU A 140 -9.58 -22.48 -26.25
C LEU A 140 -10.24 -23.14 -25.06
N TYR A 141 -10.58 -24.42 -25.23
CA TYR A 141 -11.28 -25.19 -24.22
C TYR A 141 -10.66 -26.57 -24.03
N ASP A 142 -10.50 -26.98 -22.78
CA ASP A 142 -9.95 -28.28 -22.43
C ASP A 142 -11.14 -29.23 -22.31
N PRO A 143 -11.33 -30.14 -23.29
CA PRO A 143 -12.46 -31.08 -23.25
C PRO A 143 -12.39 -32.20 -22.23
N GLU A 144 -11.19 -32.48 -21.72
CA GLU A 144 -11.04 -33.54 -20.73
C GLU A 144 -11.36 -32.98 -19.35
N LYS A 145 -10.68 -31.91 -18.97
CA LYS A 145 -10.93 -31.28 -17.68
C LYS A 145 -12.34 -30.70 -17.73
N GLY A 146 -12.71 -30.17 -18.89
CA GLY A 146 -14.03 -29.58 -19.05
C GLY A 146 -14.07 -28.13 -18.63
N MET A 147 -13.14 -27.33 -19.13
CA MET A 147 -13.10 -25.91 -18.78
C MET A 147 -12.38 -25.06 -19.82
N PHE A 148 -12.80 -23.81 -19.93
CA PHE A 148 -12.15 -22.87 -20.86
C PHE A 148 -10.80 -22.54 -20.25
N LEU A 149 -9.81 -22.32 -21.10
CA LEU A 149 -8.46 -22.03 -20.62
C LEU A 149 -7.97 -20.61 -20.80
N PRO A 150 -7.59 -19.95 -19.70
CA PRO A 150 -7.08 -18.59 -19.85
C PRO A 150 -5.77 -18.79 -20.61
N ASP A 151 -5.27 -17.73 -21.26
CA ASP A 151 -4.03 -17.85 -22.03
C ASP A 151 -2.86 -18.54 -21.35
N ARG A 152 -2.58 -18.19 -20.10
CA ARG A 152 -1.45 -18.78 -19.40
C ARG A 152 -1.60 -20.26 -19.04
N PHE A 153 -2.77 -20.83 -19.30
CA PHE A 153 -2.99 -22.24 -19.00
C PHE A 153 -2.96 -23.09 -20.28
N VAL A 154 -2.40 -22.50 -21.33
CA VAL A 154 -2.24 -23.18 -22.60
C VAL A 154 -0.74 -23.16 -22.90
N LYS A 155 -0.19 -24.30 -23.28
CA LYS A 155 1.22 -24.37 -23.60
C LYS A 155 1.38 -25.11 -24.92
N GLY A 156 2.53 -24.92 -25.56
CA GLY A 156 2.75 -25.59 -26.83
C GLY A 156 4.05 -25.18 -27.47
N THR A 157 4.16 -25.41 -28.76
CA THR A 157 5.36 -25.09 -29.49
C THR A 157 5.23 -23.75 -30.20
N CYS A 158 6.24 -22.90 -30.04
CA CYS A 158 6.24 -21.59 -30.66
C CYS A 158 6.09 -21.74 -32.16
N PRO A 159 5.11 -21.04 -32.76
CA PRO A 159 4.91 -21.14 -34.21
C PRO A 159 6.05 -20.55 -35.04
N LYS A 160 6.85 -19.68 -34.43
CA LYS A 160 7.95 -19.05 -35.13
C LYS A 160 9.27 -19.82 -35.09
N CYS A 161 9.83 -20.00 -33.90
CA CYS A 161 11.11 -20.69 -33.77
C CYS A 161 10.97 -22.19 -33.51
N LYS A 162 9.75 -22.64 -33.24
CA LYS A 162 9.47 -24.05 -32.99
C LYS A 162 10.00 -24.57 -31.65
N SER A 163 10.27 -23.67 -30.72
CA SER A 163 10.74 -24.09 -29.40
C SER A 163 9.55 -24.68 -28.65
N PRO A 164 9.77 -25.83 -27.98
CA PRO A 164 8.71 -26.50 -27.22
C PRO A 164 8.43 -25.91 -25.83
N ASP A 165 7.32 -26.36 -25.24
CA ASP A 165 6.91 -25.95 -23.90
C ASP A 165 6.83 -24.46 -23.62
N GLN A 166 6.26 -23.71 -24.54
CA GLN A 166 6.10 -22.27 -24.35
C GLN A 166 4.68 -22.04 -23.82
N TYR A 167 4.55 -21.09 -22.90
CA TYR A 167 3.26 -20.79 -22.27
C TYR A 167 2.60 -19.49 -22.71
N GLY A 168 1.28 -19.54 -22.91
CA GLY A 168 0.54 -18.36 -23.26
C GLY A 168 0.76 -17.72 -24.62
N ASP A 169 0.75 -16.40 -24.63
CA ASP A 169 0.90 -15.62 -25.86
C ASP A 169 2.32 -15.17 -26.23
N ASN A 170 3.34 -15.79 -25.64
CA ASN A 170 4.69 -15.36 -25.97
C ASN A 170 5.71 -16.47 -25.77
N CYS A 171 6.77 -16.41 -26.59
CA CYS A 171 7.85 -17.38 -26.54
C CYS A 171 9.02 -16.80 -25.76
N GLU A 172 9.52 -17.55 -24.79
CA GLU A 172 10.62 -17.09 -23.97
C GLU A 172 11.99 -17.41 -24.55
N VAL A 173 12.03 -17.94 -25.78
CA VAL A 173 13.30 -18.23 -26.42
C VAL A 173 13.55 -17.21 -27.52
N CYS A 174 12.62 -17.08 -28.48
CA CYS A 174 12.80 -16.12 -29.57
C CYS A 174 12.12 -14.78 -29.30
N GLY A 175 11.29 -14.73 -28.27
CA GLY A 175 10.62 -13.49 -27.93
C GLY A 175 9.37 -13.12 -28.69
N ALA A 176 8.95 -13.99 -29.61
CA ALA A 176 7.75 -13.74 -30.41
C ALA A 176 6.48 -13.69 -29.55
N THR A 177 5.49 -12.94 -30.03
CA THR A 177 4.22 -12.82 -29.34
C THR A 177 3.16 -13.26 -30.34
N TYR A 178 2.12 -13.93 -29.86
CA TYR A 178 1.08 -14.46 -30.72
C TYR A 178 -0.10 -14.93 -29.89
N SER A 179 -1.22 -15.20 -30.53
CA SER A 179 -2.38 -15.71 -29.82
C SER A 179 -2.07 -17.17 -29.51
N PRO A 180 -2.49 -17.65 -28.33
CA PRO A 180 -2.22 -19.06 -27.98
C PRO A 180 -2.81 -20.01 -29.03
N THR A 181 -3.77 -19.52 -29.81
CA THR A 181 -4.38 -20.35 -30.83
C THR A 181 -3.39 -20.65 -31.96
N GLU A 182 -2.24 -19.97 -31.94
CA GLU A 182 -1.22 -20.17 -32.95
C GLU A 182 -0.18 -21.19 -32.52
N LEU A 183 -0.22 -21.59 -31.26
CA LEU A 183 0.72 -22.58 -30.75
C LEU A 183 0.58 -23.91 -31.47
N ILE A 184 1.71 -24.53 -31.77
CA ILE A 184 1.75 -25.81 -32.46
C ILE A 184 1.61 -26.92 -31.41
N GLU A 185 0.75 -27.90 -31.70
CA GLU A 185 0.50 -29.00 -30.78
C GLU A 185 0.23 -28.47 -29.37
N PRO A 186 -0.82 -27.64 -29.23
CA PRO A 186 -1.19 -27.06 -27.95
C PRO A 186 -1.61 -28.11 -26.92
N LYS A 187 -1.29 -27.83 -25.66
CA LYS A 187 -1.62 -28.74 -24.56
C LYS A 187 -2.18 -27.94 -23.40
N SER A 188 -3.16 -28.51 -22.72
CA SER A 188 -3.74 -27.86 -21.56
C SER A 188 -2.74 -27.98 -20.42
N VAL A 189 -2.47 -26.87 -19.75
CA VAL A 189 -1.54 -26.88 -18.63
C VAL A 189 -2.16 -27.66 -17.48
N VAL A 190 -3.49 -27.73 -17.47
CA VAL A 190 -4.21 -28.42 -16.42
C VAL A 190 -4.25 -29.94 -16.55
N SER A 191 -4.55 -30.44 -17.74
CA SER A 191 -4.66 -31.88 -17.95
C SER A 191 -3.73 -32.52 -18.97
N GLY A 192 -3.14 -31.69 -19.84
CA GLY A 192 -2.26 -32.22 -20.86
C GLY A 192 -3.02 -32.56 -22.12
N ALA A 193 -4.34 -32.40 -22.07
CA ALA A 193 -5.19 -32.68 -23.23
C ALA A 193 -5.05 -31.59 -24.29
N THR A 194 -5.39 -31.94 -25.53
CA THR A 194 -5.31 -30.98 -26.62
C THR A 194 -6.56 -30.11 -26.56
N PRO A 195 -6.38 -28.80 -26.38
CA PRO A 195 -7.56 -27.91 -26.31
C PRO A 195 -8.09 -27.63 -27.71
N VAL A 196 -9.36 -27.24 -27.78
CA VAL A 196 -10.01 -26.94 -29.05
C VAL A 196 -10.81 -25.66 -28.87
N MET A 197 -11.13 -24.99 -29.98
CA MET A 197 -11.91 -23.76 -29.91
C MET A 197 -13.38 -24.11 -29.67
N ARG A 198 -14.00 -23.40 -28.73
CA ARG A 198 -15.39 -23.63 -28.38
C ARG A 198 -16.08 -22.28 -28.16
N ASP A 199 -17.33 -22.20 -28.59
CA ASP A 199 -18.12 -20.98 -28.45
C ASP A 199 -18.71 -20.85 -27.05
N SER A 200 -18.90 -19.60 -26.61
CA SER A 200 -19.49 -19.33 -25.31
C SER A 200 -20.06 -17.92 -25.27
N GLU A 201 -21.25 -17.79 -24.69
CA GLU A 201 -21.87 -16.48 -24.57
C GLU A 201 -21.24 -15.73 -23.42
N HIS A 202 -20.83 -14.48 -23.67
CA HIS A 202 -20.22 -13.67 -22.63
C HIS A 202 -20.97 -12.34 -22.47
N PHE A 203 -20.86 -11.78 -21.27
CA PHE A 203 -21.50 -10.51 -20.96
C PHE A 203 -20.41 -9.45 -20.99
N PHE A 204 -20.71 -8.31 -21.60
CA PHE A 204 -19.76 -7.21 -21.72
C PHE A 204 -20.26 -5.92 -21.11
N PHE A 205 -19.35 -5.19 -20.45
CA PHE A 205 -19.69 -3.90 -19.86
C PHE A 205 -19.33 -2.86 -20.92
N ASP A 206 -20.29 -1.98 -21.22
CA ASP A 206 -20.13 -0.95 -22.24
C ASP A 206 -19.30 0.25 -21.80
N LEU A 207 -18.01 0.04 -21.55
CA LEU A 207 -17.12 1.12 -21.14
C LEU A 207 -17.15 2.31 -22.11
N PRO A 208 -17.19 2.05 -23.43
CA PRO A 208 -17.21 3.16 -24.39
C PRO A 208 -18.29 4.23 -24.14
N SER A 209 -19.40 3.81 -23.55
CA SER A 209 -20.50 4.74 -23.27
C SER A 209 -20.07 5.85 -22.30
N PHE A 210 -19.02 5.57 -21.52
CA PHE A 210 -18.54 6.53 -20.54
C PHE A 210 -17.30 7.33 -20.96
N SER A 211 -16.93 7.23 -22.23
CA SER A 211 -15.75 7.93 -22.74
C SER A 211 -15.69 9.43 -22.42
N GLU A 212 -16.77 10.16 -22.71
CA GLU A 212 -16.78 11.60 -22.45
C GLU A 212 -16.59 11.93 -20.97
N MET A 213 -17.30 11.21 -20.12
CA MET A 213 -17.21 11.43 -18.69
C MET A 213 -15.77 11.17 -18.22
N LEU A 214 -15.19 10.08 -18.69
CA LEU A 214 -13.83 9.73 -18.29
C LEU A 214 -12.80 10.72 -18.82
N GLN A 215 -13.01 11.22 -20.03
CA GLN A 215 -12.07 12.19 -20.59
C GLN A 215 -12.17 13.50 -19.82
N ALA A 216 -13.37 13.85 -19.37
CA ALA A 216 -13.54 15.07 -18.60
C ALA A 216 -12.80 14.93 -17.27
N TRP A 217 -12.87 13.75 -16.67
CA TRP A 217 -12.19 13.53 -15.40
C TRP A 217 -10.68 13.62 -15.59
N THR A 218 -10.20 13.03 -16.68
CA THR A 218 -8.77 13.04 -16.98
C THR A 218 -8.22 14.45 -17.10
N ARG A 219 -8.97 15.36 -17.71
CA ARG A 219 -8.48 16.72 -17.87
C ARG A 219 -8.84 17.66 -16.72
N SER A 220 -9.52 17.14 -15.70
CA SER A 220 -9.93 17.95 -14.56
C SER A 220 -8.76 18.43 -13.68
N GLY A 221 -7.61 17.77 -13.80
CA GLY A 221 -6.45 18.17 -13.02
C GLY A 221 -6.26 17.49 -11.68
N ALA A 222 -7.18 16.59 -11.32
CA ALA A 222 -7.08 15.88 -10.04
C ALA A 222 -6.01 14.79 -10.08
N LEU A 223 -6.01 14.03 -11.17
CA LEU A 223 -5.05 12.93 -11.31
C LEU A 223 -3.62 13.39 -11.54
N GLN A 224 -2.69 12.52 -11.20
CA GLN A 224 -1.27 12.80 -11.41
C GLN A 224 -1.05 13.02 -12.89
N GLU A 225 -0.17 13.95 -13.23
CA GLU A 225 0.13 14.26 -14.63
C GLU A 225 0.48 13.03 -15.44
N GLN A 226 1.31 12.16 -14.88
CA GLN A 226 1.73 10.94 -15.58
C GLN A 226 0.56 10.00 -15.85
N VAL A 227 -0.39 9.97 -14.92
CA VAL A 227 -1.55 9.11 -15.08
C VAL A 227 -2.45 9.66 -16.18
N ALA A 228 -2.67 10.97 -16.16
CA ALA A 228 -3.50 11.62 -17.17
C ALA A 228 -2.93 11.41 -18.57
N ASN A 229 -1.61 11.55 -18.70
CA ASN A 229 -0.98 11.37 -20.00
C ASN A 229 -1.17 9.94 -20.49
N LYS A 230 -1.06 8.97 -19.58
CA LYS A 230 -1.24 7.58 -19.96
C LYS A 230 -2.68 7.34 -20.40
N MET A 231 -3.64 7.92 -19.68
CA MET A 231 -5.05 7.76 -20.04
C MET A 231 -5.33 8.31 -21.43
N GLN A 232 -4.64 9.38 -21.82
CA GLN A 232 -4.85 9.94 -23.16
C GLN A 232 -4.42 8.90 -24.19
N GLU A 233 -3.39 8.12 -23.88
CA GLU A 233 -2.94 7.08 -24.79
C GLU A 233 -4.04 6.05 -24.97
N TRP A 234 -4.72 5.72 -23.88
CA TRP A 234 -5.79 4.75 -23.93
C TRP A 234 -7.01 5.26 -24.69
N PHE A 235 -7.31 6.55 -24.55
CA PHE A 235 -8.44 7.13 -25.29
C PHE A 235 -8.11 7.14 -26.77
N GLU A 236 -6.84 7.42 -27.09
CA GLU A 236 -6.38 7.46 -28.47
C GLU A 236 -6.49 6.07 -29.12
N SER A 237 -6.09 5.04 -28.38
CA SER A 237 -6.16 3.67 -28.90
C SER A 237 -7.62 3.28 -29.05
N GLY A 238 -8.47 3.85 -28.21
CA GLY A 238 -9.89 3.56 -28.27
C GLY A 238 -10.38 2.62 -27.18
N LEU A 239 -11.43 3.01 -26.48
CA LEU A 239 -11.98 2.17 -25.42
C LEU A 239 -12.85 1.09 -26.06
N GLN A 240 -12.85 -0.09 -25.46
CA GLN A 240 -13.62 -1.22 -25.97
C GLN A 240 -14.54 -1.79 -24.89
N GLN A 241 -15.51 -2.59 -25.30
CA GLN A 241 -16.41 -3.22 -24.33
C GLN A 241 -15.55 -4.19 -23.53
N TRP A 242 -15.92 -4.39 -22.27
CA TRP A 242 -15.16 -5.25 -21.38
C TRP A 242 -15.86 -6.56 -21.04
N ASP A 243 -15.18 -7.67 -21.34
CA ASP A 243 -15.69 -9.01 -21.09
C ASP A 243 -15.68 -9.26 -19.58
N ILE A 244 -16.84 -9.25 -18.95
CA ILE A 244 -16.93 -9.42 -17.50
C ILE A 244 -17.51 -10.74 -17.00
N SER A 245 -17.63 -11.73 -17.87
CA SER A 245 -18.16 -13.03 -17.45
C SER A 245 -17.18 -14.16 -17.72
N ARG A 246 -17.26 -15.19 -16.90
CA ARG A 246 -16.42 -16.37 -17.05
C ARG A 246 -17.28 -17.59 -16.82
N ASP A 247 -17.07 -18.62 -17.62
CA ASP A 247 -17.85 -19.85 -17.52
C ASP A 247 -17.42 -20.78 -16.38
N ALA A 248 -18.37 -21.57 -15.90
CA ALA A 248 -18.08 -22.55 -14.88
C ALA A 248 -17.20 -23.59 -15.57
N PRO A 249 -16.33 -24.28 -14.81
CA PRO A 249 -16.13 -24.17 -13.36
C PRO A 249 -15.34 -22.91 -13.03
N TYR A 250 -15.71 -22.25 -11.94
CA TYR A 250 -15.04 -21.02 -11.54
C TYR A 250 -15.22 -20.83 -10.05
N PHE A 251 -14.31 -20.07 -9.43
CA PHE A 251 -14.45 -19.77 -8.02
C PHE A 251 -14.75 -18.28 -7.98
N GLY A 252 -16.02 -17.96 -7.76
CA GLY A 252 -16.45 -16.57 -7.73
C GLY A 252 -17.95 -16.48 -7.55
N PHE A 253 -18.53 -15.37 -8.00
CA PHE A 253 -19.96 -15.14 -7.87
C PHE A 253 -20.73 -15.48 -9.13
N GLU A 254 -21.75 -16.33 -9.00
CA GLU A 254 -22.56 -16.72 -10.14
C GLU A 254 -23.45 -15.54 -10.54
N ILE A 255 -23.61 -15.33 -11.84
CA ILE A 255 -24.41 -14.22 -12.36
C ILE A 255 -25.91 -14.54 -12.27
N PRO A 256 -26.69 -13.63 -11.67
CA PRO A 256 -28.14 -13.85 -11.57
C PRO A 256 -28.78 -14.06 -12.94
N ASN A 257 -29.67 -15.05 -13.02
CA ASN A 257 -30.39 -15.38 -14.26
C ASN A 257 -29.52 -15.94 -15.37
N ALA A 258 -28.28 -16.27 -15.06
CA ALA A 258 -27.38 -16.81 -16.07
C ALA A 258 -26.64 -18.04 -15.55
N PRO A 259 -27.34 -19.18 -15.47
CA PRO A 259 -26.76 -20.44 -14.99
C PRO A 259 -25.44 -20.78 -15.66
N GLY A 260 -24.46 -21.17 -14.85
CA GLY A 260 -23.16 -21.54 -15.38
C GLY A 260 -22.26 -20.38 -15.75
N LYS A 261 -22.70 -19.16 -15.46
CA LYS A 261 -21.92 -17.95 -15.75
C LYS A 261 -21.53 -17.27 -14.44
N TYR A 262 -20.31 -16.76 -14.39
CA TYR A 262 -19.76 -16.09 -13.21
C TYR A 262 -19.20 -14.72 -13.55
N PHE A 263 -19.12 -13.85 -12.56
CA PHE A 263 -18.53 -12.54 -12.78
C PHE A 263 -17.02 -12.73 -12.80
N TYR A 264 -16.36 -12.13 -13.77
CA TYR A 264 -14.91 -12.19 -13.86
C TYR A 264 -14.39 -11.54 -12.58
N VAL A 265 -13.34 -12.12 -12.00
CA VAL A 265 -12.78 -11.61 -10.75
C VAL A 265 -12.55 -10.10 -10.72
N TRP A 266 -12.05 -9.53 -11.82
CA TRP A 266 -11.79 -8.09 -11.82
C TRP A 266 -13.03 -7.22 -11.72
N LEU A 267 -14.21 -7.78 -12.01
CA LEU A 267 -15.43 -6.99 -11.86
C LEU A 267 -15.76 -6.87 -10.38
N ASP A 268 -15.66 -7.98 -9.64
CA ASP A 268 -15.99 -7.95 -8.23
C ASP A 268 -14.87 -7.46 -7.31
N ALA A 269 -13.64 -7.48 -7.79
CA ALA A 269 -12.50 -7.05 -6.97
C ALA A 269 -12.61 -5.65 -6.37
N PRO A 270 -12.80 -4.60 -7.21
CA PRO A 270 -12.91 -3.28 -6.59
C PRO A 270 -14.19 -3.13 -5.77
N ILE A 271 -15.25 -3.84 -6.18
CA ILE A 271 -16.49 -3.77 -5.43
C ILE A 271 -16.22 -4.36 -4.04
N GLY A 272 -15.20 -5.22 -3.96
CA GLY A 272 -14.84 -5.81 -2.69
C GLY A 272 -14.43 -4.77 -1.67
N LEU A 273 -14.00 -3.60 -2.13
CA LEU A 273 -13.60 -2.53 -1.23
C LEU A 273 -14.87 -1.94 -0.63
N MET A 274 -15.91 -1.83 -1.45
CA MET A 274 -17.20 -1.33 -0.97
C MET A 274 -17.71 -2.34 0.03
N GLY A 275 -17.56 -3.61 -0.31
CA GLY A 275 -18.01 -4.69 0.56
C GLY A 275 -17.29 -4.66 1.90
N SER A 276 -16.01 -4.35 1.88
CA SER A 276 -15.23 -4.29 3.11
C SER A 276 -15.74 -3.14 3.99
N PHE A 277 -16.10 -2.02 3.38
CA PHE A 277 -16.60 -0.90 4.17
C PHE A 277 -17.99 -1.23 4.72
N LYS A 278 -18.81 -1.88 3.92
CA LYS A 278 -20.14 -2.25 4.38
C LYS A 278 -20.00 -3.19 5.56
N ASN A 279 -19.07 -4.12 5.45
CA ASN A 279 -18.82 -5.08 6.53
C ASN A 279 -18.42 -4.35 7.81
N LEU A 280 -17.56 -3.34 7.68
CA LEU A 280 -17.13 -2.59 8.85
C LEU A 280 -18.31 -1.87 9.49
N CYS A 281 -19.10 -1.20 8.66
CA CYS A 281 -20.27 -0.50 9.17
C CYS A 281 -21.22 -1.45 9.87
N ASP A 282 -21.49 -2.60 9.25
CA ASP A 282 -22.41 -3.57 9.84
C ASP A 282 -21.89 -4.12 11.16
N LYS A 283 -20.60 -4.40 11.25
CA LYS A 283 -20.05 -4.91 12.50
C LYS A 283 -20.13 -3.85 13.60
N ARG A 284 -20.00 -2.59 13.21
CA ARG A 284 -20.07 -1.47 14.16
C ARG A 284 -21.50 -1.11 14.54
N GLY A 285 -22.47 -1.64 13.79
CA GLY A 285 -23.86 -1.34 14.06
C GLY A 285 -24.19 0.04 13.53
N ASP A 286 -23.36 0.50 12.60
CA ASP A 286 -23.51 1.82 11.97
C ASP A 286 -24.37 1.69 10.72
N SER A 287 -25.61 2.17 10.80
CA SER A 287 -26.55 2.07 9.68
C SER A 287 -26.60 3.28 8.76
N VAL A 288 -25.71 4.26 8.97
CA VAL A 288 -25.74 5.45 8.14
C VAL A 288 -24.47 5.75 7.33
N SER A 289 -23.31 5.34 7.82
CA SER A 289 -22.07 5.66 7.12
C SER A 289 -21.89 5.08 5.73
N PHE A 290 -22.40 3.89 5.45
CA PHE A 290 -22.18 3.36 4.10
C PHE A 290 -22.75 4.30 3.05
N ASP A 291 -24.01 4.68 3.20
CA ASP A 291 -24.62 5.58 2.23
C ASP A 291 -23.96 6.96 2.25
N GLU A 292 -23.54 7.41 3.41
CA GLU A 292 -22.90 8.71 3.51
C GLU A 292 -21.60 8.77 2.70
N TYR A 293 -20.93 7.63 2.59
CA TYR A 293 -19.67 7.57 1.83
C TYR A 293 -19.82 7.16 0.37
N TRP A 294 -20.85 6.37 0.06
CA TRP A 294 -20.99 5.88 -1.30
C TRP A 294 -22.10 6.42 -2.19
N LYS A 295 -23.08 7.13 -1.61
CA LYS A 295 -24.14 7.69 -2.43
C LYS A 295 -23.61 8.83 -3.28
N LYS A 296 -24.29 9.11 -4.39
CA LYS A 296 -23.87 10.16 -5.30
C LYS A 296 -23.70 11.54 -4.67
N ASP A 297 -24.51 11.84 -3.66
CA ASP A 297 -24.44 13.14 -3.00
C ASP A 297 -23.45 13.22 -1.84
N SER A 298 -22.57 12.23 -1.74
CA SER A 298 -21.59 12.18 -0.66
C SER A 298 -20.63 13.37 -0.59
N THR A 299 -20.36 13.81 0.63
CA THR A 299 -19.41 14.89 0.85
C THR A 299 -18.14 14.29 1.43
N ALA A 300 -18.08 12.96 1.48
CA ALA A 300 -16.92 12.27 1.99
C ALA A 300 -15.93 12.12 0.84
N GLU A 301 -14.65 11.96 1.18
CA GLU A 301 -13.60 11.81 0.18
C GLU A 301 -13.22 10.33 0.05
N LEU A 302 -12.98 9.90 -1.19
CA LEU A 302 -12.61 8.52 -1.47
C LEU A 302 -11.30 8.46 -2.25
N TYR A 303 -10.31 7.78 -1.69
CA TYR A 303 -8.99 7.67 -2.33
C TYR A 303 -8.51 6.24 -2.45
N HIS A 304 -7.94 5.92 -3.60
CA HIS A 304 -7.40 4.60 -3.85
C HIS A 304 -5.89 4.66 -4.10
N PHE A 305 -5.11 3.96 -3.28
CA PHE A 305 -3.66 3.89 -3.50
C PHE A 305 -3.48 2.64 -4.35
N ILE A 306 -2.87 2.79 -5.52
CA ILE A 306 -2.68 1.66 -6.43
C ILE A 306 -1.36 1.72 -7.20
N GLY A 307 -1.01 0.59 -7.82
CA GLY A 307 0.21 0.51 -8.61
C GLY A 307 -0.13 0.80 -10.06
N LYS A 308 0.87 1.19 -10.84
CA LYS A 308 0.60 1.52 -12.25
C LYS A 308 0.07 0.38 -13.10
N ASP A 309 0.31 -0.86 -12.70
CA ASP A 309 -0.18 -2.00 -13.49
C ASP A 309 -1.69 -2.17 -13.48
N ILE A 310 -2.38 -1.57 -12.51
CA ILE A 310 -3.83 -1.71 -12.47
C ILE A 310 -4.59 -0.41 -12.70
N VAL A 311 -3.90 0.61 -13.17
CA VAL A 311 -4.53 1.89 -13.42
C VAL A 311 -5.68 1.82 -14.44
N TYR A 312 -5.58 0.94 -15.43
CA TYR A 312 -6.64 0.85 -16.43
C TYR A 312 -7.94 0.46 -15.75
N PHE A 313 -7.87 -0.51 -14.84
CA PHE A 313 -9.06 -0.99 -14.14
C PHE A 313 -9.67 0.06 -13.22
N LEU A 314 -8.84 0.72 -12.43
CA LEU A 314 -9.33 1.70 -11.47
C LEU A 314 -9.62 3.11 -12.01
N SER A 315 -9.06 3.46 -13.15
CA SER A 315 -9.30 4.79 -13.72
C SER A 315 -10.34 4.82 -14.83
N LEU A 316 -10.59 3.67 -15.45
CA LEU A 316 -11.56 3.60 -16.53
C LEU A 316 -12.77 2.72 -16.19
N PHE A 317 -12.56 1.42 -16.00
CA PHE A 317 -13.66 0.53 -15.67
C PHE A 317 -14.42 0.93 -14.40
N TRP A 318 -13.66 1.12 -13.31
CA TRP A 318 -14.23 1.46 -12.00
C TRP A 318 -15.12 2.70 -11.95
N PRO A 319 -14.62 3.87 -12.38
CA PRO A 319 -15.49 5.05 -12.31
C PRO A 319 -16.74 4.88 -13.17
N ALA A 320 -16.60 4.21 -14.31
CA ALA A 320 -17.71 3.96 -15.20
C ALA A 320 -18.74 3.05 -14.53
N MET A 321 -18.26 2.00 -13.86
CA MET A 321 -19.13 1.06 -13.16
C MET A 321 -19.95 1.79 -12.10
N LEU A 322 -19.26 2.62 -11.31
CA LEU A 322 -19.93 3.38 -10.26
C LEU A 322 -20.95 4.35 -10.83
N GLU A 323 -20.57 5.09 -11.87
CA GLU A 323 -21.48 6.04 -12.49
C GLU A 323 -22.74 5.32 -12.98
N GLY A 324 -22.54 4.21 -13.67
CA GLY A 324 -23.65 3.45 -14.22
C GLY A 324 -24.54 2.76 -13.20
N SER A 325 -24.10 2.68 -11.95
CA SER A 325 -24.89 2.03 -10.91
C SER A 325 -25.31 3.02 -9.82
N ASN A 326 -25.23 4.30 -10.12
CA ASN A 326 -25.63 5.38 -9.21
C ASN A 326 -24.86 5.50 -7.90
N PHE A 327 -23.55 5.33 -7.97
CA PHE A 327 -22.69 5.49 -6.78
C PHE A 327 -21.68 6.59 -7.07
N ARG A 328 -21.14 7.19 -6.02
CA ARG A 328 -20.15 8.25 -6.21
C ARG A 328 -18.87 7.63 -6.76
N LYS A 329 -18.02 8.45 -7.35
CA LYS A 329 -16.77 7.99 -7.93
C LYS A 329 -15.57 8.43 -7.09
N PRO A 330 -14.38 7.87 -7.37
CA PRO A 330 -13.19 8.24 -6.59
C PRO A 330 -12.88 9.74 -6.61
N SER A 331 -12.47 10.26 -5.46
CA SER A 331 -12.08 11.67 -5.36
C SER A 331 -10.75 11.77 -6.09
N ASN A 332 -9.93 10.73 -5.97
CA ASN A 332 -8.65 10.72 -6.64
C ASN A 332 -8.01 9.34 -6.57
N LEU A 333 -7.02 9.13 -7.44
CA LEU A 333 -6.25 7.89 -7.48
C LEU A 333 -4.82 8.32 -7.18
N PHE A 334 -4.16 7.58 -6.28
CA PHE A 334 -2.77 7.88 -5.93
C PHE A 334 -1.95 6.70 -6.42
N VAL A 335 -1.24 6.91 -7.52
CA VAL A 335 -0.45 5.86 -8.16
C VAL A 335 1.03 5.89 -7.83
N HIS A 336 1.59 4.71 -7.56
CA HIS A 336 3.00 4.57 -7.25
C HIS A 336 3.66 3.64 -8.27
N GLY A 337 4.99 3.68 -8.32
CA GLY A 337 5.72 2.85 -9.25
C GLY A 337 6.09 1.49 -8.70
N TYR A 338 6.97 0.78 -9.40
CA TYR A 338 7.44 -0.54 -8.99
C TYR A 338 8.54 -0.41 -7.94
N VAL A 339 8.78 -1.50 -7.23
CA VAL A 339 9.85 -1.53 -6.24
C VAL A 339 11.00 -2.31 -6.85
N THR A 340 12.20 -1.74 -6.82
CA THR A 340 13.37 -2.43 -7.34
C THR A 340 14.30 -2.62 -6.16
N VAL A 341 15.19 -3.60 -6.26
CA VAL A 341 16.16 -3.88 -5.21
C VAL A 341 17.52 -3.80 -5.89
N ASN A 342 18.39 -2.97 -5.34
CA ASN A 342 19.73 -2.75 -5.89
C ASN A 342 19.65 -2.29 -7.35
N GLY A 343 18.64 -1.48 -7.65
CA GLY A 343 18.46 -0.92 -8.97
C GLY A 343 17.73 -1.74 -10.01
N ALA A 344 17.50 -3.01 -9.74
CA ALA A 344 16.82 -3.88 -10.69
C ALA A 344 15.57 -4.55 -10.16
N LYS A 345 14.75 -5.06 -11.08
CA LYS A 345 13.53 -5.76 -10.71
C LYS A 345 13.94 -6.88 -9.75
N MET A 346 13.06 -7.19 -8.78
CA MET A 346 13.38 -8.24 -7.84
C MET A 346 13.74 -9.53 -8.56
N SER A 347 14.81 -10.17 -8.10
CA SER A 347 15.33 -11.39 -8.69
C SER A 347 15.43 -12.53 -7.68
N LYS A 348 14.73 -13.63 -7.94
CA LYS A 348 14.75 -14.78 -7.06
C LYS A 348 16.15 -15.37 -6.97
N SER A 349 16.80 -15.53 -8.13
CA SER A 349 18.15 -16.09 -8.18
C SER A 349 19.14 -15.28 -7.36
N ARG A 350 18.96 -13.96 -7.33
CA ARG A 350 19.85 -13.09 -6.58
C ARG A 350 19.41 -12.93 -5.13
N GLY A 351 18.24 -13.47 -4.83
CA GLY A 351 17.71 -13.37 -3.47
C GLY A 351 17.18 -11.98 -3.16
N THR A 352 16.75 -11.26 -4.19
CA THR A 352 16.22 -9.93 -3.98
C THR A 352 14.70 -9.90 -4.06
N PHE A 353 14.09 -11.06 -4.32
CA PHE A 353 12.64 -11.15 -4.34
C PHE A 353 12.37 -11.48 -2.88
N ILE A 354 12.13 -10.43 -2.10
CA ILE A 354 11.94 -10.56 -0.67
C ILE A 354 10.49 -10.51 -0.17
N LYS A 355 10.13 -11.52 0.62
CA LYS A 355 8.79 -11.61 1.20
C LYS A 355 8.72 -10.74 2.45
N ALA A 356 7.53 -10.22 2.73
CA ALA A 356 7.33 -9.37 3.90
C ALA A 356 7.64 -10.16 5.17
N SER A 357 7.24 -11.42 5.20
CA SER A 357 7.49 -12.27 6.36
C SER A 357 8.98 -12.47 6.60
N THR A 358 9.73 -12.68 5.51
CA THR A 358 11.17 -12.88 5.61
C THR A 358 11.84 -11.61 6.14
N TRP A 359 11.45 -10.47 5.59
CA TRP A 359 12.02 -9.19 6.02
C TRP A 359 12.00 -9.02 7.53
N LEU A 360 10.86 -9.30 8.14
CA LEU A 360 10.72 -9.13 9.58
C LEU A 360 11.60 -10.05 10.44
N ASN A 361 12.16 -11.10 9.84
CA ASN A 361 13.04 -12.00 10.60
C ASN A 361 14.41 -11.36 10.75
N HIS A 362 14.71 -10.40 9.88
CA HIS A 362 16.01 -9.73 9.87
C HIS A 362 16.02 -8.29 10.33
N PHE A 363 14.99 -7.54 9.95
CA PHE A 363 14.90 -6.13 10.32
C PHE A 363 13.54 -5.80 10.87
N ASP A 364 13.40 -4.62 11.48
CA ASP A 364 12.11 -4.24 12.01
C ASP A 364 11.30 -3.58 10.90
N ALA A 365 10.03 -3.31 11.19
CA ALA A 365 9.16 -2.68 10.20
C ALA A 365 9.52 -1.20 9.98
N ASP A 366 9.86 -0.50 11.05
CA ASP A 366 10.19 0.92 10.93
C ASP A 366 11.31 1.24 9.95
N SER A 367 12.31 0.37 9.87
CA SER A 367 13.43 0.60 8.96
C SER A 367 12.99 0.68 7.50
N LEU A 368 12.14 -0.26 7.08
CA LEU A 368 11.67 -0.27 5.70
C LEU A 368 10.68 0.89 5.50
N ARG A 369 9.82 1.13 6.49
CA ARG A 369 8.87 2.22 6.39
C ARG A 369 9.61 3.54 6.17
N TYR A 370 10.68 3.75 6.95
CA TYR A 370 11.45 4.97 6.81
C TYR A 370 12.12 5.08 5.45
N TYR A 371 12.79 4.02 5.03
CA TYR A 371 13.49 4.06 3.75
C TYR A 371 12.57 4.35 2.58
N TYR A 372 11.44 3.64 2.51
CA TYR A 372 10.48 3.86 1.43
C TYR A 372 9.97 5.31 1.47
N THR A 373 9.63 5.77 2.66
CA THR A 373 9.10 7.12 2.83
C THR A 373 10.10 8.18 2.38
N ALA A 374 11.39 7.94 2.66
CA ALA A 374 12.42 8.90 2.27
C ALA A 374 12.58 9.00 0.75
N LYS A 375 12.17 7.95 0.05
CA LYS A 375 12.26 7.89 -1.41
C LYS A 375 10.97 8.23 -2.16
N LEU A 376 9.84 8.09 -1.48
CA LEU A 376 8.55 8.35 -2.10
C LEU A 376 8.24 9.80 -2.42
N SER A 377 7.43 10.00 -3.45
CA SER A 377 7.02 11.32 -3.89
C SER A 377 5.61 11.25 -4.47
N SER A 378 5.15 12.35 -5.05
CA SER A 378 3.82 12.39 -5.63
C SER A 378 3.80 11.84 -7.06
N ARG A 379 4.95 11.39 -7.55
CA ARG A 379 5.03 10.86 -8.92
C ARG A 379 4.94 9.33 -8.93
N ILE A 380 4.89 8.75 -10.14
CA ILE A 380 4.77 7.31 -10.29
C ILE A 380 6.09 6.57 -10.55
N ASP A 381 7.22 7.24 -10.33
CA ASP A 381 8.53 6.63 -10.56
C ASP A 381 8.79 5.43 -9.65
N ASP A 382 9.60 4.49 -10.12
CA ASP A 382 9.92 3.31 -9.33
C ASP A 382 10.73 3.71 -8.10
N ILE A 383 10.58 2.94 -7.02
CA ILE A 383 11.28 3.18 -5.78
C ILE A 383 12.33 2.09 -5.60
N ASP A 384 13.59 2.51 -5.49
CA ASP A 384 14.68 1.57 -5.35
C ASP A 384 15.17 1.33 -3.94
N LEU A 385 15.15 0.07 -3.53
CA LEU A 385 15.66 -0.30 -2.22
C LEU A 385 17.09 -0.78 -2.45
N ASN A 386 18.04 0.14 -2.34
CA ASN A 386 19.44 -0.22 -2.50
C ASN A 386 19.85 -0.65 -1.10
N LEU A 387 20.19 -1.92 -0.94
CA LEU A 387 20.53 -2.47 0.38
C LEU A 387 21.71 -1.82 1.10
N GLU A 388 22.76 -1.45 0.37
CA GLU A 388 23.90 -0.80 0.98
C GLU A 388 23.45 0.57 1.51
N ASP A 389 22.66 1.28 0.72
CA ASP A 389 22.16 2.59 1.09
C ASP A 389 21.17 2.47 2.25
N PHE A 390 20.44 1.37 2.29
CA PHE A 390 19.47 1.12 3.35
C PHE A 390 20.19 1.13 4.70
N VAL A 391 21.28 0.39 4.80
CA VAL A 391 22.05 0.34 6.04
C VAL A 391 22.60 1.71 6.40
N GLN A 392 23.22 2.39 5.45
CA GLN A 392 23.78 3.71 5.70
C GLN A 392 22.75 4.75 6.09
N ARG A 393 21.62 4.78 5.39
CA ARG A 393 20.59 5.76 5.65
C ARG A 393 19.86 5.56 6.98
N VAL A 394 19.54 4.31 7.31
CA VAL A 394 18.87 4.03 8.57
C VAL A 394 19.78 4.42 9.73
N ASN A 395 21.04 4.00 9.67
CA ASN A 395 21.99 4.33 10.73
C ASN A 395 22.24 5.82 10.85
N ALA A 396 22.41 6.48 9.70
CA ALA A 396 22.69 7.91 9.70
C ALA A 396 21.53 8.79 10.13
N ASP A 397 20.34 8.50 9.61
CA ASP A 397 19.16 9.31 9.92
C ASP A 397 18.40 8.96 11.19
N ILE A 398 18.09 7.69 11.38
CA ILE A 398 17.34 7.31 12.57
C ILE A 398 18.20 7.23 13.82
N VAL A 399 19.28 6.46 13.76
CA VAL A 399 20.15 6.32 14.93
C VAL A 399 20.98 7.57 15.22
N ASN A 400 21.68 8.08 14.22
CA ASN A 400 22.55 9.23 14.41
C ASN A 400 22.00 10.65 14.35
N LYS A 401 20.82 10.85 13.80
CA LYS A 401 20.26 12.19 13.73
C LYS A 401 19.09 12.39 14.69
N VAL A 402 18.04 11.58 14.53
CA VAL A 402 16.86 11.71 15.36
C VAL A 402 16.97 11.09 16.76
N VAL A 403 17.17 9.79 16.83
CA VAL A 403 17.26 9.12 18.13
C VAL A 403 18.43 9.65 18.95
N ASN A 404 19.48 10.11 18.26
CA ASN A 404 20.66 10.66 18.93
C ASN A 404 20.29 11.78 19.88
N LEU A 405 19.34 12.62 19.48
CA LEU A 405 18.92 13.74 20.31
C LEU A 405 18.40 13.27 21.66
N ALA A 406 17.80 12.09 21.70
CA ALA A 406 17.27 11.56 22.95
C ALA A 406 18.36 10.81 23.71
N SER A 407 19.04 9.90 23.02
CA SER A 407 20.08 9.08 23.64
C SER A 407 21.30 9.80 24.19
N ARG A 408 21.63 10.97 23.66
CA ARG A 408 22.79 11.70 24.15
C ARG A 408 22.44 12.63 25.31
N ASN A 409 21.15 12.88 25.50
CA ASN A 409 20.70 13.79 26.54
C ASN A 409 19.94 13.18 27.71
N ALA A 410 19.25 12.07 27.47
CA ALA A 410 18.44 11.43 28.51
C ALA A 410 19.23 10.97 29.73
N GLY A 411 20.42 10.43 29.51
CA GLY A 411 21.24 9.94 30.60
C GLY A 411 21.48 10.98 31.68
N PHE A 412 21.96 12.16 31.29
CA PHE A 412 22.23 13.23 32.24
C PHE A 412 20.97 13.62 33.00
N ILE A 413 19.85 13.70 32.29
CA ILE A 413 18.60 14.08 32.93
C ILE A 413 18.19 13.07 33.99
N ASN A 414 18.27 11.78 33.66
CA ASN A 414 17.89 10.75 34.61
C ASN A 414 18.85 10.59 35.78
N LYS A 415 20.15 10.64 35.50
CA LYS A 415 21.16 10.47 36.54
C LYS A 415 21.45 11.66 37.42
N ARG A 416 21.39 12.87 36.86
CA ARG A 416 21.71 14.05 37.63
C ARG A 416 20.55 14.97 37.99
N PHE A 417 19.41 14.78 37.34
CA PHE A 417 18.27 15.65 37.64
C PHE A 417 16.97 14.91 37.93
N ASP A 418 17.10 13.68 38.42
CA ASP A 418 15.95 12.86 38.78
C ASP A 418 14.92 12.70 37.68
N GLY A 419 15.38 12.78 36.42
CA GLY A 419 14.49 12.62 35.29
C GLY A 419 13.58 13.81 35.01
N VAL A 420 13.86 14.94 35.64
CA VAL A 420 13.04 16.13 35.44
C VAL A 420 13.65 17.14 34.46
N LEU A 421 12.87 17.52 33.46
CA LEU A 421 13.31 18.49 32.46
C LEU A 421 13.24 19.91 33.01
N ALA A 422 14.08 20.78 32.45
CA ALA A 422 14.18 22.18 32.85
C ALA A 422 12.82 22.89 32.82
N SER A 423 12.69 23.94 33.63
CA SER A 423 11.46 24.70 33.73
C SER A 423 11.18 25.64 32.56
N GLU A 424 12.22 25.92 31.76
CA GLU A 424 12.05 26.79 30.60
C GLU A 424 12.95 26.34 29.46
N LEU A 425 12.60 26.74 28.24
CA LEU A 425 13.39 26.41 27.06
C LEU A 425 14.68 27.21 27.09
N ALA A 426 15.80 26.54 26.86
CA ALA A 426 17.09 27.20 26.86
C ALA A 426 17.23 28.10 25.63
N ASP A 427 16.63 27.68 24.52
CA ASP A 427 16.70 28.45 23.28
C ASP A 427 15.32 28.49 22.60
N PRO A 428 14.45 29.39 23.07
CA PRO A 428 13.09 29.56 22.52
C PRO A 428 13.07 29.83 21.02
N GLN A 429 14.02 30.62 20.55
CA GLN A 429 14.12 30.96 19.13
C GLN A 429 14.28 29.71 18.28
N LEU A 430 15.21 28.84 18.69
CA LEU A 430 15.45 27.62 17.96
C LEU A 430 14.21 26.73 17.99
N TYR A 431 13.54 26.68 19.13
CA TYR A 431 12.34 25.86 19.26
C TYR A 431 11.26 26.35 18.29
N LYS A 432 11.14 27.67 18.16
CA LYS A 432 10.15 28.24 17.25
C LYS A 432 10.46 27.87 15.81
N THR A 433 11.75 27.79 15.47
CA THR A 433 12.14 27.43 14.13
C THR A 433 11.61 26.03 13.84
N PHE A 434 11.65 25.17 14.86
CA PHE A 434 11.17 23.80 14.71
C PHE A 434 9.65 23.72 14.58
N THR A 435 8.93 24.45 15.42
CA THR A 435 7.47 24.40 15.36
C THR A 435 6.92 25.15 14.14
N ASP A 436 7.67 26.15 13.67
CA ASP A 436 7.24 26.91 12.48
C ASP A 436 7.25 26.03 11.24
N ALA A 437 8.04 24.96 11.27
CA ALA A 437 8.16 24.04 10.14
C ALA A 437 6.98 23.09 9.99
N ALA A 438 6.11 23.04 10.99
CA ALA A 438 4.96 22.13 10.94
C ALA A 438 4.09 22.31 9.70
N GLU A 439 3.85 23.56 9.31
CA GLU A 439 3.02 23.85 8.14
C GLU A 439 3.55 23.20 6.87
N VAL A 440 4.81 23.48 6.54
CA VAL A 440 5.41 22.93 5.33
C VAL A 440 5.53 21.40 5.37
N ILE A 441 5.89 20.87 6.53
CA ILE A 441 6.02 19.43 6.66
C ILE A 441 4.66 18.75 6.53
N GLY A 442 3.65 19.32 7.18
CA GLY A 442 2.32 18.75 7.09
C GLY A 442 1.81 18.78 5.67
N GLU A 443 2.10 19.86 4.97
CA GLU A 443 1.67 20.00 3.59
C GLU A 443 2.35 18.94 2.71
N ALA A 444 3.58 18.58 3.07
CA ALA A 444 4.33 17.56 2.34
C ALA A 444 3.69 16.18 2.55
N TRP A 445 3.30 15.87 3.79
CA TRP A 445 2.65 14.60 4.05
C TRP A 445 1.32 14.58 3.29
N GLU A 446 0.59 15.68 3.38
CA GLU A 446 -0.71 15.82 2.73
C GLU A 446 -0.65 15.59 1.21
N SER A 447 0.33 16.22 0.57
CA SER A 447 0.50 16.12 -0.87
C SER A 447 1.24 14.87 -1.33
N ARG A 448 1.58 14.01 -0.38
CA ARG A 448 2.29 12.76 -0.66
C ARG A 448 3.74 12.97 -1.09
N GLU A 449 4.27 14.16 -0.80
CA GLU A 449 5.66 14.47 -1.12
C GLU A 449 6.45 14.03 0.10
N PHE A 450 6.46 12.72 0.33
CA PHE A 450 7.13 12.13 1.47
C PHE A 450 8.63 12.42 1.53
N GLY A 451 9.30 12.32 0.38
CA GLY A 451 10.71 12.59 0.32
C GLY A 451 11.02 14.00 0.79
N LYS A 452 10.17 14.95 0.41
CA LYS A 452 10.36 16.33 0.82
C LYS A 452 10.19 16.48 2.33
N ALA A 453 9.16 15.84 2.86
CA ALA A 453 8.89 15.89 4.30
C ALA A 453 10.10 15.37 5.07
N VAL A 454 10.61 14.22 4.67
CA VAL A 454 11.76 13.63 5.33
C VAL A 454 12.97 14.55 5.23
N ARG A 455 13.19 15.17 4.08
CA ARG A 455 14.32 16.07 3.93
C ARG A 455 14.21 17.25 4.88
N GLU A 456 13.00 17.80 5.02
CA GLU A 456 12.78 18.92 5.94
C GLU A 456 13.05 18.47 7.37
N ILE A 457 12.51 17.32 7.74
CA ILE A 457 12.69 16.79 9.09
C ILE A 457 14.16 16.54 9.41
N MET A 458 14.89 15.94 8.48
CA MET A 458 16.30 15.67 8.72
C MET A 458 17.15 16.94 8.74
N ALA A 459 16.72 17.96 8.02
CA ALA A 459 17.45 19.24 8.02
C ALA A 459 17.31 19.82 9.43
N LEU A 460 16.11 19.66 10.01
CA LEU A 460 15.87 20.14 11.35
C LEU A 460 16.69 19.31 12.34
N ALA A 461 16.79 18.01 12.08
CA ALA A 461 17.57 17.15 12.97
C ALA A 461 19.03 17.59 12.96
N ASP A 462 19.52 18.02 11.80
CA ASP A 462 20.89 18.49 11.68
C ASP A 462 21.08 19.74 12.55
N LEU A 463 20.09 20.63 12.52
CA LEU A 463 20.16 21.85 13.30
C LEU A 463 20.14 21.54 14.79
N ALA A 464 19.35 20.53 15.17
CA ALA A 464 19.26 20.14 16.58
C ALA A 464 20.60 19.60 17.08
N ASN A 465 21.23 18.74 16.29
CA ASN A 465 22.51 18.19 16.70
C ASN A 465 23.61 19.25 16.66
N ARG A 466 23.45 20.24 15.79
CA ARG A 466 24.43 21.33 15.71
C ARG A 466 24.32 22.12 17.01
N TYR A 467 23.09 22.33 17.47
CA TYR A 467 22.86 23.05 18.72
C TYR A 467 23.54 22.32 19.87
N VAL A 468 23.33 21.02 19.96
CA VAL A 468 23.94 20.25 21.03
C VAL A 468 25.46 20.34 20.96
N ASP A 469 26.03 20.26 19.76
CA ASP A 469 27.48 20.35 19.62
C ASP A 469 27.97 21.75 20.05
N GLU A 470 27.19 22.77 19.76
CA GLU A 470 27.56 24.14 20.12
C GLU A 470 27.58 24.30 21.64
N GLN A 471 26.72 23.56 22.33
CA GLN A 471 26.62 23.63 23.77
C GLN A 471 27.58 22.68 24.46
N ALA A 472 28.04 21.67 23.73
CA ALA A 472 28.99 20.68 24.23
C ALA A 472 28.70 20.12 25.62
N PRO A 473 27.58 19.40 25.77
CA PRO A 473 27.25 18.84 27.07
C PRO A 473 28.31 17.91 27.68
N TRP A 474 29.09 17.24 26.83
CA TRP A 474 30.13 16.34 27.33
C TRP A 474 31.25 17.13 28.01
N VAL A 475 31.27 18.44 27.77
CA VAL A 475 32.27 19.32 28.38
C VAL A 475 31.63 19.94 29.62
N VAL A 476 30.43 20.46 29.46
CA VAL A 476 29.69 21.08 30.56
C VAL A 476 29.53 20.13 31.74
N ALA A 477 29.28 18.86 31.44
CA ALA A 477 29.07 17.85 32.48
C ALA A 477 30.23 17.64 33.46
N LYS A 478 31.46 17.92 33.03
CA LYS A 478 32.62 17.73 33.90
C LYS A 478 33.07 18.99 34.61
N GLN A 479 32.41 20.10 34.34
CA GLN A 479 32.80 21.38 34.91
C GLN A 479 32.01 21.82 36.14
N GLU A 480 32.76 22.23 37.16
CA GLU A 480 32.22 22.70 38.43
C GLU A 480 31.06 23.68 38.34
N GLY A 481 30.02 23.41 39.13
CA GLY A 481 28.86 24.30 39.19
C GLY A 481 28.07 24.58 37.92
N ARG A 482 28.20 23.75 36.91
CA ARG A 482 27.45 23.97 35.68
C ARG A 482 26.25 23.03 35.54
N ASP A 483 25.71 22.58 36.67
CA ASP A 483 24.56 21.68 36.68
C ASP A 483 23.37 22.28 35.93
N ALA A 484 23.03 23.52 36.27
CA ALA A 484 21.91 24.20 35.65
C ALA A 484 22.08 24.22 34.13
N ASP A 485 23.29 24.56 33.68
CA ASP A 485 23.58 24.61 32.24
C ASP A 485 23.34 23.26 31.60
N LEU A 486 23.82 22.20 32.24
CA LEU A 486 23.66 20.85 31.70
C LEU A 486 22.19 20.47 31.56
N GLN A 487 21.40 20.71 32.61
CA GLN A 487 19.98 20.37 32.55
C GLN A 487 19.29 21.17 31.44
N ALA A 488 19.67 22.43 31.28
CA ALA A 488 19.07 23.28 30.25
C ALA A 488 19.37 22.76 28.85
N ILE A 489 20.63 22.47 28.58
CA ILE A 489 21.05 21.97 27.26
C ILE A 489 20.35 20.65 26.93
N CYS A 490 20.47 19.69 27.85
CA CYS A 490 19.88 18.37 27.63
C CYS A 490 18.36 18.40 27.49
N SER A 491 17.71 19.28 28.26
CA SER A 491 16.26 19.39 28.18
C SER A 491 15.85 19.97 26.83
N MET A 492 16.64 20.91 26.34
CA MET A 492 16.37 21.54 25.05
C MET A 492 16.47 20.49 23.95
N GLY A 493 17.51 19.66 24.00
CA GLY A 493 17.67 18.61 23.01
C GLY A 493 16.50 17.64 23.01
N ILE A 494 16.01 17.30 24.19
CA ILE A 494 14.89 16.37 24.31
C ILE A 494 13.62 16.99 23.75
N ASN A 495 13.44 18.29 23.92
CA ASN A 495 12.26 18.94 23.37
C ASN A 495 12.33 18.99 21.85
N LEU A 496 13.54 19.14 21.30
CA LEU A 496 13.67 19.15 19.85
C LEU A 496 13.34 17.74 19.36
N PHE A 497 13.72 16.73 20.14
CA PHE A 497 13.43 15.34 19.81
C PHE A 497 11.91 15.14 19.78
N ARG A 498 11.23 15.71 20.77
CA ARG A 498 9.77 15.60 20.86
C ARG A 498 9.12 16.09 19.56
N VAL A 499 9.57 17.24 19.07
CA VAL A 499 9.02 17.80 17.85
C VAL A 499 9.30 16.92 16.63
N LEU A 500 10.55 16.49 16.47
CA LEU A 500 10.92 15.64 15.34
C LEU A 500 10.14 14.33 15.31
N MET A 501 9.98 13.71 16.46
CA MET A 501 9.24 12.45 16.52
C MET A 501 7.76 12.65 16.20
N THR A 502 7.26 13.86 16.42
CA THR A 502 5.86 14.15 16.11
C THR A 502 5.71 14.17 14.59
N TYR A 503 6.65 14.83 13.92
CA TYR A 503 6.63 14.92 12.47
C TYR A 503 6.83 13.54 11.84
N LEU A 504 7.56 12.67 12.53
CA LEU A 504 7.83 11.32 12.04
C LEU A 504 6.84 10.26 12.54
N LYS A 505 5.89 10.65 13.39
CA LYS A 505 4.93 9.70 13.92
C LYS A 505 4.21 8.87 12.86
N PRO A 506 3.81 9.48 11.73
CA PRO A 506 3.12 8.69 10.71
C PRO A 506 4.03 7.64 10.06
N VAL A 507 5.33 7.88 10.13
CA VAL A 507 6.33 7.02 9.50
C VAL A 507 6.86 5.88 10.35
N LEU A 508 7.12 6.16 11.61
CA LEU A 508 7.71 5.18 12.53
C LEU A 508 6.82 4.89 13.74
N PRO A 509 5.77 4.09 13.56
CA PRO A 509 4.87 3.75 14.67
C PRO A 509 5.48 3.17 15.93
N LYS A 510 6.37 2.20 15.77
CA LYS A 510 6.99 1.57 16.93
C LYS A 510 7.98 2.46 17.65
N LEU A 511 8.87 3.11 16.91
CA LEU A 511 9.81 4.00 17.55
C LEU A 511 9.01 5.09 18.26
N THR A 512 7.90 5.51 17.66
CA THR A 512 7.07 6.53 18.27
C THR A 512 6.52 6.06 19.60
N GLU A 513 6.07 4.82 19.67
CA GLU A 513 5.54 4.30 20.94
C GLU A 513 6.64 4.32 22.00
N ARG A 514 7.86 3.93 21.61
CA ARG A 514 8.96 3.93 22.57
C ARG A 514 9.30 5.36 23.00
N ALA A 515 9.21 6.30 22.06
CA ALA A 515 9.49 7.69 22.37
C ALA A 515 8.45 8.27 23.32
N GLU A 516 7.19 7.90 23.10
CA GLU A 516 6.10 8.39 23.93
C GLU A 516 6.22 7.83 25.35
N ALA A 517 6.71 6.61 25.47
CA ALA A 517 6.91 6.00 26.79
C ALA A 517 8.01 6.76 27.53
N PHE A 518 9.08 7.09 26.81
CA PHE A 518 10.20 7.82 27.37
C PHE A 518 9.77 9.22 27.81
N LEU A 519 9.05 9.92 26.93
CA LEU A 519 8.60 11.27 27.21
C LEU A 519 7.39 11.36 28.14
N ASN A 520 6.76 10.23 28.43
CA ASN A 520 5.58 10.20 29.27
C ASN A 520 4.46 11.04 28.70
N THR A 521 4.35 11.07 27.38
CA THR A 521 3.29 11.81 26.73
C THR A 521 2.98 11.32 25.33
N GLU A 522 1.71 11.41 24.95
CA GLU A 522 1.26 11.02 23.63
C GLU A 522 1.67 12.18 22.74
N LEU A 523 2.17 11.89 21.54
CA LEU A 523 2.58 12.95 20.63
C LEU A 523 1.43 13.33 19.70
N THR A 524 1.00 14.58 19.78
CA THR A 524 -0.07 15.08 18.92
C THR A 524 0.52 16.19 18.06
N TRP A 525 -0.08 16.41 16.89
CA TRP A 525 0.41 17.44 15.98
C TRP A 525 0.45 18.83 16.61
N ASP A 526 -0.64 19.23 17.26
CA ASP A 526 -0.72 20.55 17.89
C ASP A 526 0.05 20.64 19.21
N GLY A 527 0.28 19.50 19.84
CA GLY A 527 0.99 19.48 21.10
C GLY A 527 2.38 20.09 21.13
N ILE A 528 3.05 20.12 19.98
CA ILE A 528 4.40 20.67 19.93
C ILE A 528 4.45 22.15 20.29
N GLN A 529 3.30 22.81 20.27
CA GLN A 529 3.23 24.22 20.61
C GLN A 529 3.49 24.43 22.10
N GLN A 530 3.36 23.37 22.87
CA GLN A 530 3.60 23.41 24.31
C GLN A 530 4.78 22.50 24.64
N PRO A 531 5.99 23.07 24.78
CA PRO A 531 7.13 22.21 25.11
C PRO A 531 6.98 21.54 26.47
N LEU A 532 7.76 20.49 26.70
CA LEU A 532 7.72 19.79 27.97
C LEU A 532 8.65 20.53 28.94
N LEU A 533 8.04 21.12 29.98
CA LEU A 533 8.78 21.89 30.99
C LEU A 533 8.47 21.38 32.39
N GLY A 534 9.48 21.30 33.24
CA GLY A 534 9.29 20.80 34.61
C GLY A 534 8.49 19.52 34.49
N HIS A 535 8.97 18.68 33.58
CA HIS A 535 8.34 17.43 33.21
C HIS A 535 9.22 16.19 33.44
N LYS A 536 8.63 15.16 33.99
CA LYS A 536 9.34 13.91 34.27
C LYS A 536 9.37 12.96 33.08
N VAL A 537 10.56 12.49 32.74
CA VAL A 537 10.74 11.54 31.65
C VAL A 537 11.22 10.23 32.25
N ASN A 538 11.08 9.13 31.50
CA ASN A 538 11.48 7.82 31.98
C ASN A 538 12.76 7.30 31.32
N PRO A 539 13.49 6.41 32.02
CA PRO A 539 14.73 5.84 31.47
C PRO A 539 14.34 4.86 30.37
N PHE A 540 15.26 4.57 29.46
CA PHE A 540 14.95 3.62 28.39
C PHE A 540 16.12 2.73 27.98
N LYS A 541 15.79 1.52 27.54
CA LYS A 541 16.75 0.54 27.08
C LYS A 541 17.61 1.18 26.00
N ALA A 542 17.14 1.05 24.75
CA ALA A 542 17.81 1.60 23.59
C ALA A 542 16.71 1.80 22.56
N LEU A 543 16.38 3.06 22.29
CA LEU A 543 15.32 3.39 21.34
C LEU A 543 15.47 2.80 19.95
N TYR A 544 16.69 2.72 19.45
CA TYR A 544 16.92 2.19 18.11
C TYR A 544 18.38 1.80 17.91
N ASN A 545 18.63 0.54 17.58
CA ASN A 545 20.00 0.07 17.38
C ASN A 545 20.44 0.14 15.91
N ARG A 546 21.75 0.13 15.70
CA ARG A 546 22.32 0.17 14.36
C ARG A 546 22.11 -1.16 13.66
N ILE A 547 22.17 -1.13 12.33
CA ILE A 547 22.07 -2.33 11.53
C ILE A 547 23.36 -2.42 10.70
N ASP A 548 23.61 -3.56 10.07
CA ASP A 548 24.83 -3.71 9.28
C ASP A 548 24.64 -4.60 8.06
N MET A 549 25.63 -4.58 7.18
CA MET A 549 25.58 -5.38 5.95
C MET A 549 25.55 -6.88 6.18
N ARG A 550 26.03 -7.34 7.34
CA ARG A 550 26.00 -8.77 7.62
C ARG A 550 24.53 -9.20 7.65
N GLN A 551 23.69 -8.34 8.22
CA GLN A 551 22.26 -8.62 8.30
C GLN A 551 21.63 -8.61 6.91
N VAL A 552 22.09 -7.69 6.06
CA VAL A 552 21.57 -7.61 4.70
C VAL A 552 21.93 -8.88 3.94
N GLU A 553 23.17 -9.32 4.08
CA GLU A 553 23.61 -10.53 3.40
C GLU A 553 22.80 -11.74 3.87
N ALA A 554 22.46 -11.76 5.15
CA ALA A 554 21.67 -12.86 5.69
C ALA A 554 20.26 -12.85 5.10
N LEU A 555 19.71 -11.65 4.95
CA LEU A 555 18.38 -11.48 4.38
C LEU A 555 18.34 -12.02 2.96
N VAL A 556 19.34 -11.65 2.17
CA VAL A 556 19.42 -12.09 0.78
C VAL A 556 19.59 -13.60 0.69
N GLU A 557 20.47 -14.14 1.52
CA GLU A 557 20.71 -15.59 1.51
C GLU A 557 19.43 -16.34 1.87
N ALA A 558 18.68 -15.81 2.83
CA ALA A 558 17.44 -16.43 3.27
C ALA A 558 16.33 -16.32 2.22
N SER A 559 16.50 -15.39 1.29
CA SER A 559 15.50 -15.18 0.24
C SER A 559 15.78 -15.99 -1.02
N LYS A 560 16.97 -16.58 -1.11
CA LYS A 560 17.33 -17.39 -2.27
C LYS A 560 16.61 -18.72 -2.23
#